data_3N3U
#
_entry.id   3N3U
#
_cell.length_a   64.380
_cell.length_b   64.380
_cell.length_c   149.689
_cell.angle_alpha   90.000
_cell.angle_beta   90.000
_cell.angle_gamma   120.000
#
_symmetry.space_group_name_H-M   'P 31 2 1'
#
loop_
_entity.id
_entity.type
_entity.pdbx_description
1 polymer 'Adenosine monophosphate-protein transferase ibpA'
2 non-polymer 'ZINC ION'
3 non-polymer 'SULFATE ION'
4 water water
#
_entity_poly.entity_id   1
_entity_poly.type   'polypeptide(L)'
_entity_poly.pdbx_seq_one_letter_code
;VNYQDLEDNLNLKGLISLEDDRNANFESNVLKNEKFLDEAREISKKSIPEATVKQMSHLPEFDDILTEGAKKVESRINKA
ITFRPSVEEFSEIQDLVKTLPKTKVIEDLSTKTNEITEALAATSKTIQRTPELKEQLKTAIEDFLQNSQGKPLTVQMIEN
LNHGLRPDEGEGRLLYKKENLTKENAVFSSPEAAKIQLAETVDFINRAKNEGIEPSVVGALVYQRLIAYHPFAEGNGRMA
RVIVNKILLDAGYPAFTKFSDEFEPQIIPQTKASTKSATSSEVVVEFLKELAKKGSKED
;
_entity_poly.pdbx_strand_id   A
#
loop_
_chem_comp.id
_chem_comp.type
_chem_comp.name
_chem_comp.formula
SO4 non-polymer 'SULFATE ION' 'O4 S -2'
ZN non-polymer 'ZINC ION' 'Zn 2'
#
# COMPACT_ATOMS: atom_id res chain seq x y z
N VAL A 1 24.69 -3.43 -1.11
CA VAL A 1 24.84 -1.98 -0.99
C VAL A 1 25.04 -1.58 0.47
N ASN A 2 26.15 -0.91 0.75
CA ASN A 2 26.47 -0.47 2.10
C ASN A 2 26.08 0.98 2.34
N TYR A 3 25.30 1.23 3.38
CA TYR A 3 24.77 2.58 3.66
C TYR A 3 25.41 3.23 4.88
N GLN A 4 26.15 2.45 5.67
CA GLN A 4 26.69 2.90 6.95
C GLN A 4 27.32 4.29 6.92
N ASP A 5 28.11 4.56 5.89
CA ASP A 5 28.93 5.78 5.85
C ASP A 5 28.22 6.98 5.24
N LEU A 6 27.01 6.76 4.74
CA LEU A 6 26.20 7.86 4.21
C LEU A 6 25.61 8.62 5.38
N GLU A 7 25.54 9.94 5.26
CA GLU A 7 24.86 10.72 6.28
C GLU A 7 23.36 10.52 6.16
N ASP A 8 22.69 10.41 7.31
CA ASP A 8 21.27 10.09 7.33
C ASP A 8 20.57 10.69 8.56
N ASN A 9 19.51 11.44 8.34
CA ASN A 9 18.70 11.94 9.45
C ASN A 9 17.23 11.54 9.32
N LEU A 10 16.91 10.81 8.26
CA LEU A 10 15.56 10.32 8.04
C LEU A 10 15.41 8.97 8.70
N ASN A 11 16.50 8.48 9.29
CA ASN A 11 16.57 7.11 9.75
C ASN A 11 16.25 6.15 8.61
N LEU A 12 16.72 6.51 7.42
CA LEU A 12 16.55 5.67 6.23
C LEU A 12 17.24 4.34 6.45
N LYS A 13 18.24 4.33 7.33
CA LYS A 13 18.99 3.13 7.63
C LYS A 13 18.16 2.17 8.48
N GLY A 14 17.40 2.73 9.41
CA GLY A 14 16.45 1.92 10.16
C GLY A 14 15.41 1.35 9.23
N LEU A 15 14.87 2.21 8.38
CA LEU A 15 13.88 1.79 7.38
C LEU A 15 14.41 0.62 6.55
N ILE A 16 15.63 0.77 6.02
CA ILE A 16 16.23 -0.27 5.21
C ILE A 16 16.40 -1.57 6.01
N SER A 17 16.74 -1.45 7.28
CA SER A 17 16.87 -2.61 8.15
C SER A 17 15.52 -3.31 8.31
N LEU A 18 14.47 -2.52 8.54
CA LEU A 18 13.12 -3.02 8.63
C LEU A 18 12.79 -3.87 7.41
N GLU A 19 13.05 -3.31 6.23
CA GLU A 19 12.74 -3.96 4.97
C GLU A 19 13.59 -5.21 4.76
N ASP A 20 14.86 -5.14 5.15
CA ASP A 20 15.74 -6.29 5.05
C ASP A 20 15.17 -7.48 5.80
N ASP A 21 14.70 -7.23 7.02
CA ASP A 21 14.16 -8.30 7.86
C ASP A 21 12.86 -8.85 7.30
N ARG A 22 11.97 -7.96 6.87
CA ARG A 22 10.71 -8.38 6.26
C ARG A 22 10.98 -9.19 5.00
N ASN A 23 11.83 -8.67 4.14
CA ASN A 23 12.17 -9.34 2.89
C ASN A 23 12.79 -10.70 3.13
N ALA A 24 13.65 -10.80 4.14
CA ALA A 24 14.33 -12.05 4.45
C ALA A 24 13.36 -13.12 4.93
N ASN A 25 12.23 -12.68 5.48
CA ASN A 25 11.23 -13.61 6.00
C ASN A 25 10.02 -13.73 5.08
N PHE A 26 10.12 -13.18 3.89
CA PHE A 26 9.01 -13.17 2.93
C PHE A 26 8.62 -14.57 2.49
N GLU A 27 9.61 -15.40 2.19
CA GLU A 27 9.35 -16.77 1.76
C GLU A 27 8.58 -17.54 2.82
N SER A 28 9.00 -17.39 4.07
CA SER A 28 8.38 -18.11 5.18
C SER A 28 6.97 -17.59 5.47
N ASN A 29 6.82 -16.27 5.46
CA ASN A 29 5.56 -15.63 5.84
C ASN A 29 4.48 -15.62 4.75
N VAL A 30 4.90 -15.65 3.49
CA VAL A 30 3.95 -15.60 2.39
C VAL A 30 4.00 -16.84 1.50
N LEU A 31 5.10 -17.02 0.77
CA LEU A 31 5.21 -18.10 -0.21
C LEU A 31 4.98 -19.48 0.39
N LYS A 32 5.40 -19.66 1.64
CA LYS A 32 5.29 -20.96 2.30
C LYS A 32 4.15 -21.00 3.32
N ASN A 33 3.34 -19.95 3.35
CA ASN A 33 2.16 -19.91 4.20
C ASN A 33 1.09 -20.85 3.65
N GLU A 34 0.62 -21.77 4.49
CA GLU A 34 -0.28 -22.81 4.00
C GLU A 34 -1.66 -22.29 3.60
N LYS A 35 -2.13 -21.23 4.27
CA LYS A 35 -3.41 -20.64 3.88
C LYS A 35 -3.28 -19.99 2.49
N PHE A 36 -2.15 -19.34 2.24
CA PHE A 36 -1.85 -18.80 0.92
C PHE A 36 -1.82 -19.90 -0.13
N LEU A 37 -1.10 -20.98 0.16
CA LEU A 37 -0.94 -22.09 -0.77
C LEU A 37 -2.26 -22.81 -1.06
N ASP A 38 -3.04 -23.06 -0.02
CA ASP A 38 -4.30 -23.79 -0.21
C ASP A 38 -5.31 -22.95 -0.99
N GLU A 39 -5.37 -21.66 -0.71
CA GLU A 39 -6.21 -20.78 -1.48
C GLU A 39 -5.76 -20.78 -2.95
N ALA A 40 -4.45 -20.71 -3.15
CA ALA A 40 -3.89 -20.71 -4.51
C ALA A 40 -4.27 -21.99 -5.25
N ARG A 41 -4.22 -23.12 -4.55
CA ARG A 41 -4.58 -24.39 -5.15
C ARG A 41 -6.06 -24.41 -5.50
N GLU A 42 -6.89 -23.95 -4.56
CA GLU A 42 -8.33 -23.88 -4.77
C GLU A 42 -8.68 -22.98 -5.96
N ILE A 43 -8.04 -21.82 -6.03
CA ILE A 43 -8.31 -20.87 -7.11
C ILE A 43 -7.90 -21.46 -8.47
N SER A 44 -6.73 -22.09 -8.52
CA SER A 44 -6.25 -22.71 -9.74
C SER A 44 -7.20 -23.80 -10.24
N LYS A 45 -7.67 -24.64 -9.31
CA LYS A 45 -8.54 -25.76 -9.66
C LYS A 45 -9.85 -25.35 -10.31
N LYS A 46 -10.28 -24.10 -10.07
CA LYS A 46 -11.54 -23.63 -10.63
C LYS A 46 -11.53 -23.64 -12.16
N SER A 47 -10.44 -23.15 -12.75
CA SER A 47 -10.30 -23.11 -14.20
C SER A 47 -10.27 -24.52 -14.80
N ILE A 48 -9.33 -25.33 -14.31
CA ILE A 48 -9.19 -26.71 -14.75
C ILE A 48 -10.52 -27.46 -14.67
N PRO A 49 -10.70 -28.47 -15.54
CA PRO A 49 -11.80 -29.42 -15.30
C PRO A 49 -11.76 -29.88 -13.85
N GLU A 50 -12.86 -30.37 -13.26
CA GLU A 50 -14.10 -30.73 -13.94
C GLU A 50 -13.91 -32.06 -14.66
N ALA A 51 -12.80 -32.72 -14.31
CA ALA A 51 -12.44 -34.03 -14.84
C ALA A 51 -10.96 -34.29 -14.53
N THR A 52 -10.14 -33.30 -14.83
CA THR A 52 -8.69 -33.44 -14.74
C THR A 52 -8.18 -33.40 -13.30
N VAL A 53 -8.97 -32.84 -12.39
CA VAL A 53 -8.54 -32.68 -11.00
C VAL A 53 -8.24 -34.01 -10.30
N LYS A 54 -9.28 -34.79 -10.01
CA LYS A 54 -9.08 -36.10 -9.40
C LYS A 54 -8.02 -36.86 -10.17
N GLN A 55 -8.06 -36.71 -11.50
CA GLN A 55 -7.09 -37.31 -12.39
C GLN A 55 -5.65 -37.01 -11.95
N MET A 56 -5.35 -35.74 -11.77
CA MET A 56 -4.01 -35.30 -11.42
C MET A 56 -3.76 -35.31 -9.92
N SER A 57 -4.77 -35.66 -9.15
CA SER A 57 -4.64 -35.74 -7.69
C SER A 57 -3.47 -36.64 -7.32
N HIS A 58 -3.19 -37.62 -8.19
CA HIS A 58 -2.16 -38.62 -7.92
C HIS A 58 -0.80 -38.18 -8.41
N LEU A 59 -0.77 -37.14 -9.24
CA LEU A 59 0.49 -36.58 -9.72
C LEU A 59 1.26 -35.92 -8.58
N PRO A 60 2.48 -36.40 -8.32
CA PRO A 60 3.32 -35.88 -7.24
C PRO A 60 3.51 -34.37 -7.31
N GLU A 61 3.56 -33.82 -8.51
CA GLU A 61 3.85 -32.40 -8.70
C GLU A 61 2.62 -31.51 -8.55
N PHE A 62 1.43 -32.10 -8.55
CA PHE A 62 0.19 -31.34 -8.67
C PHE A 62 0.02 -30.21 -7.64
N ASP A 63 0.23 -30.52 -6.37
CA ASP A 63 0.08 -29.52 -5.31
C ASP A 63 0.93 -28.28 -5.59
N ASP A 64 1.96 -28.45 -6.41
CA ASP A 64 2.87 -27.37 -6.73
C ASP A 64 2.53 -26.69 -8.05
N ILE A 65 2.19 -27.50 -9.06
CA ILE A 65 1.71 -26.97 -10.33
C ILE A 65 0.65 -25.91 -10.08
N LEU A 66 -0.19 -26.17 -9.08
CA LEU A 66 -1.30 -25.28 -8.73
C LEU A 66 -0.84 -23.94 -8.16
N THR A 67 0.37 -23.90 -7.60
CA THR A 67 0.80 -22.72 -6.85
C THR A 67 1.95 -21.93 -7.48
N GLU A 68 2.49 -22.43 -8.59
CA GLU A 68 3.67 -21.79 -9.18
C GLU A 68 3.38 -20.39 -9.72
N GLY A 69 2.22 -20.21 -10.34
CA GLY A 69 1.84 -18.91 -10.86
C GLY A 69 1.65 -17.87 -9.76
N ALA A 70 0.93 -18.25 -8.71
CA ALA A 70 0.65 -17.34 -7.60
C ALA A 70 1.93 -16.95 -6.87
N LYS A 71 2.84 -17.90 -6.71
CA LYS A 71 4.12 -17.63 -6.08
C LYS A 71 4.92 -16.62 -6.88
N LYS A 72 4.98 -16.83 -8.20
CA LYS A 72 5.70 -15.93 -9.08
C LYS A 72 5.15 -14.51 -8.97
N VAL A 73 3.83 -14.40 -8.89
CA VAL A 73 3.18 -13.11 -8.81
C VAL A 73 3.59 -12.35 -7.54
N GLU A 74 3.55 -13.04 -6.40
CA GLU A 74 3.89 -12.41 -5.12
C GLU A 74 5.37 -12.03 -5.05
N SER A 75 6.24 -12.88 -5.59
CA SER A 75 7.67 -12.58 -5.63
C SER A 75 7.93 -11.34 -6.48
N ARG A 76 7.19 -11.23 -7.58
CA ARG A 76 7.31 -10.08 -8.46
C ARG A 76 6.90 -8.80 -7.74
N ILE A 77 5.72 -8.85 -7.12
CA ILE A 77 5.22 -7.72 -6.34
C ILE A 77 6.19 -7.33 -5.23
N ASN A 78 6.70 -8.32 -4.52
CA ASN A 78 7.62 -8.06 -3.42
C ASN A 78 8.91 -7.39 -3.89
N LYS A 79 9.38 -7.78 -5.08
CA LYS A 79 10.59 -7.23 -5.64
C LYS A 79 10.38 -5.75 -5.95
N ALA A 80 9.17 -5.41 -6.37
CA ALA A 80 8.84 -4.04 -6.77
C ALA A 80 8.68 -3.09 -5.56
N ILE A 81 8.18 -3.61 -4.45
CA ILE A 81 7.86 -2.75 -3.31
C ILE A 81 8.98 -2.68 -2.27
N THR A 82 9.88 -3.65 -2.28
CA THR A 82 10.94 -3.69 -1.27
C THR A 82 11.91 -2.52 -1.45
N PHE A 83 12.13 -1.78 -0.37
CA PHE A 83 12.95 -0.57 -0.42
C PHE A 83 14.44 -0.89 -0.28
N ARG A 84 15.17 -0.69 -1.37
CA ARG A 84 16.61 -0.89 -1.38
C ARG A 84 17.26 0.07 -2.38
N PRO A 85 17.46 1.33 -1.98
CA PRO A 85 17.95 2.38 -2.87
C PRO A 85 19.44 2.27 -3.19
N SER A 86 19.81 2.76 -4.36
CA SER A 86 21.22 2.93 -4.69
C SER A 86 21.76 4.09 -3.87
N VAL A 87 23.08 4.18 -3.73
CA VAL A 87 23.68 5.26 -2.98
C VAL A 87 23.17 6.61 -3.49
N GLU A 88 23.06 6.73 -4.81
CA GLU A 88 22.57 7.95 -5.44
C GLU A 88 21.12 8.25 -5.06
N GLU A 89 20.31 7.20 -4.95
CA GLU A 89 18.92 7.36 -4.56
C GLU A 89 18.79 7.69 -3.08
N PHE A 90 19.61 7.03 -2.27
CA PHE A 90 19.63 7.28 -0.83
C PHE A 90 19.86 8.77 -0.56
N SER A 91 20.82 9.34 -1.26
CA SER A 91 21.18 10.75 -1.07
C SER A 91 20.12 11.69 -1.65
N GLU A 92 19.59 11.35 -2.82
CA GLU A 92 18.54 12.14 -3.44
C GLU A 92 17.35 12.26 -2.52
N ILE A 93 17.00 11.16 -1.86
CA ILE A 93 15.90 11.15 -0.90
C ILE A 93 16.21 12.05 0.30
N GLN A 94 17.45 12.01 0.75
CA GLN A 94 17.90 12.86 1.86
C GLN A 94 17.64 14.33 1.55
N ASP A 95 18.10 14.77 0.38
CA ASP A 95 17.95 16.15 -0.04
C ASP A 95 16.48 16.51 -0.24
N LEU A 96 15.73 15.62 -0.88
CA LEU A 96 14.33 15.87 -1.19
C LEU A 96 13.45 16.10 0.04
N VAL A 97 13.72 15.38 1.11
CA VAL A 97 12.94 15.53 2.33
C VAL A 97 13.16 16.91 2.94
N LYS A 98 14.36 17.44 2.78
CA LYS A 98 14.67 18.78 3.29
C LYS A 98 13.80 19.84 2.62
N THR A 99 13.36 19.57 1.41
CA THR A 99 12.63 20.54 0.60
C THR A 99 11.12 20.44 0.75
N LEU A 100 10.65 19.53 1.59
CA LEU A 100 9.22 19.30 1.77
C LEU A 100 8.55 20.42 2.56
N PRO A 101 7.33 20.81 2.15
CA PRO A 101 6.53 21.77 2.91
C PRO A 101 6.03 21.10 4.18
N LYS A 102 6.08 21.80 5.31
CA LYS A 102 5.60 21.24 6.56
C LYS A 102 5.10 22.35 7.47
N THR A 103 3.86 22.21 7.94
CA THR A 103 3.26 23.25 8.76
C THR A 103 3.71 23.16 10.21
N LYS A 104 3.63 24.28 10.92
CA LYS A 104 4.00 24.35 12.32
C LYS A 104 2.77 24.30 13.21
N VAL A 105 1.59 24.41 12.60
CA VAL A 105 0.34 24.41 13.37
C VAL A 105 -0.04 23.01 13.81
N ILE A 106 -0.49 22.89 15.04
CA ILE A 106 -1.03 21.63 15.54
C ILE A 106 -2.47 21.51 15.06
N GLU A 107 -2.64 20.97 13.85
CA GLU A 107 -3.96 20.90 13.23
C GLU A 107 -4.92 20.00 13.99
N ASP A 108 -6.16 20.47 14.16
CA ASP A 108 -7.17 19.69 14.86
C ASP A 108 -7.82 18.69 13.91
N LEU A 109 -8.64 17.81 14.46
CA LEU A 109 -9.26 16.75 13.68
C LEU A 109 -10.06 17.28 12.50
N SER A 110 -10.84 18.33 12.73
CA SER A 110 -11.64 18.93 11.67
C SER A 110 -10.78 19.42 10.51
N THR A 111 -9.66 20.04 10.83
CA THR A 111 -8.74 20.52 9.81
C THR A 111 -8.14 19.36 9.03
N LYS A 112 -7.68 18.34 9.75
CA LYS A 112 -7.10 17.17 9.11
C LYS A 112 -8.16 16.46 8.27
N THR A 113 -9.35 16.28 8.84
CA THR A 113 -10.45 15.63 8.14
C THR A 113 -10.74 16.31 6.81
N ASN A 114 -10.82 17.64 6.83
CA ASN A 114 -11.10 18.40 5.62
C ASN A 114 -9.99 18.29 4.58
N GLU A 115 -8.74 18.31 5.02
CA GLU A 115 -7.61 18.21 4.12
C GLU A 115 -7.61 16.88 3.37
N ILE A 116 -7.83 15.81 4.12
CA ILE A 116 -7.83 14.47 3.54
C ILE A 116 -9.02 14.28 2.60
N THR A 117 -10.17 14.80 2.99
CA THR A 117 -11.38 14.72 2.16
C THR A 117 -11.16 15.45 0.84
N GLU A 118 -10.62 16.66 0.91
CA GLU A 118 -10.36 17.46 -0.28
C GLU A 118 -9.35 16.76 -1.19
N ALA A 119 -8.33 16.18 -0.58
CA ALA A 119 -7.30 15.47 -1.34
C ALA A 119 -7.91 14.29 -2.08
N LEU A 120 -8.84 13.61 -1.42
CA LEU A 120 -9.50 12.45 -2.02
C LEU A 120 -10.38 12.90 -3.20
N ALA A 121 -11.12 13.99 -2.99
CA ALA A 121 -12.02 14.51 -4.00
C ALA A 121 -11.27 14.97 -5.24
N ALA A 122 -10.02 15.37 -5.06
CA ALA A 122 -9.20 15.84 -6.18
C ALA A 122 -8.79 14.70 -7.11
N THR A 123 -8.83 13.47 -6.60
CA THR A 123 -8.42 12.31 -7.38
C THR A 123 -9.61 11.60 -8.02
N SER A 124 -10.76 12.26 -8.03
CA SER A 124 -11.98 11.62 -8.53
C SER A 124 -13.05 12.64 -8.92
N LYS A 125 -13.47 12.57 -10.18
CA LYS A 125 -14.48 13.50 -10.70
C LYS A 125 -15.86 13.19 -10.12
N THR A 126 -16.09 11.91 -9.82
CA THR A 126 -17.36 11.48 -9.26
C THR A 126 -17.59 12.08 -7.87
N ILE A 127 -16.53 12.11 -7.07
CA ILE A 127 -16.63 12.71 -5.74
C ILE A 127 -16.89 14.21 -5.85
N GLN A 128 -16.17 14.86 -6.77
CA GLN A 128 -16.35 16.30 -6.99
C GLN A 128 -17.78 16.63 -7.40
N ARG A 129 -18.41 15.72 -8.13
CA ARG A 129 -19.72 15.97 -8.73
C ARG A 129 -20.88 15.50 -7.85
N THR A 130 -20.59 14.67 -6.86
CA THR A 130 -21.63 14.10 -6.00
C THR A 130 -21.44 14.52 -4.55
N PRO A 131 -22.12 15.59 -4.12
CA PRO A 131 -21.98 16.11 -2.76
C PRO A 131 -22.27 15.07 -1.68
N GLU A 132 -23.29 14.23 -1.89
CA GLU A 132 -23.67 13.26 -0.87
C GLU A 132 -22.60 12.18 -0.68
N LEU A 133 -21.89 11.85 -1.76
CA LEU A 133 -20.80 10.89 -1.67
C LEU A 133 -19.63 11.52 -0.92
N LYS A 134 -19.28 12.74 -1.29
CA LYS A 134 -18.17 13.44 -0.65
C LYS A 134 -18.40 13.54 0.85
N GLU A 135 -19.64 13.85 1.25
CA GLU A 135 -19.96 14.03 2.66
C GLU A 135 -19.85 12.75 3.47
N GLN A 136 -20.30 11.63 2.91
CA GLN A 136 -20.22 10.36 3.62
C GLN A 136 -18.79 9.81 3.66
N LEU A 137 -18.00 10.12 2.65
CA LEU A 137 -16.59 9.77 2.68
C LEU A 137 -15.90 10.58 3.77
N LYS A 138 -16.29 11.85 3.89
CA LYS A 138 -15.75 12.72 4.92
C LYS A 138 -16.00 12.16 6.32
N THR A 139 -17.19 11.61 6.52
CA THR A 139 -17.55 11.00 7.80
C THR A 139 -16.68 9.79 8.13
N ALA A 140 -16.48 8.92 7.14
CA ALA A 140 -15.63 7.75 7.32
C ALA A 140 -14.20 8.17 7.67
N ILE A 141 -13.74 9.23 7.02
CA ILE A 141 -12.40 9.76 7.27
C ILE A 141 -12.29 10.32 8.69
N GLU A 142 -13.32 11.04 9.11
CA GLU A 142 -13.37 11.60 10.46
C GLU A 142 -13.33 10.49 11.52
N ASP A 143 -14.19 9.49 11.34
CA ASP A 143 -14.21 8.33 12.23
C ASP A 143 -12.84 7.67 12.32
N PHE A 144 -12.22 7.46 11.17
CA PHE A 144 -10.90 6.82 11.13
C PHE A 144 -9.84 7.63 11.86
N LEU A 145 -9.80 8.94 11.62
CA LEU A 145 -8.84 9.81 12.29
C LEU A 145 -9.09 9.82 13.79
N GLN A 146 -10.37 9.91 14.16
CA GLN A 146 -10.77 9.95 15.57
C GLN A 146 -10.30 8.72 16.31
N ASN A 147 -10.55 7.54 15.73
CA ASN A 147 -10.26 6.27 16.38
C ASN A 147 -8.78 5.90 16.41
N SER A 148 -8.00 6.49 15.52
CA SER A 148 -6.60 6.11 15.38
C SER A 148 -5.62 7.09 16.02
N GLN A 149 -6.14 8.22 16.51
CA GLN A 149 -5.28 9.25 17.06
C GLN A 149 -4.57 8.77 18.33
N GLY A 150 -3.25 8.96 18.36
CA GLY A 150 -2.45 8.56 19.51
C GLY A 150 -2.59 7.09 19.87
N LYS A 151 -2.87 6.27 18.87
CA LYS A 151 -3.08 4.84 19.08
C LYS A 151 -2.43 4.08 17.93
N PRO A 152 -2.00 2.84 18.19
CA PRO A 152 -1.44 2.02 17.10
C PRO A 152 -2.49 1.69 16.05
N LEU A 153 -2.12 1.77 14.79
CA LEU A 153 -2.99 1.35 13.70
C LEU A 153 -3.30 -0.13 13.84
N THR A 154 -4.53 -0.52 13.57
CA THR A 154 -4.88 -1.94 13.52
C THR A 154 -5.54 -2.26 12.18
N VAL A 155 -5.50 -3.54 11.81
CA VAL A 155 -6.18 -4.01 10.62
C VAL A 155 -7.68 -3.73 10.70
N GLN A 156 -8.24 -3.87 11.90
CA GLN A 156 -9.66 -3.62 12.13
C GLN A 156 -10.01 -2.17 11.76
N MET A 157 -9.14 -1.23 12.11
CA MET A 157 -9.37 0.17 11.78
C MET A 157 -9.44 0.35 10.27
N ILE A 158 -8.55 -0.33 9.55
CA ILE A 158 -8.49 -0.23 8.10
C ILE A 158 -9.70 -0.89 7.45
N GLU A 159 -10.13 -2.02 8.01
CA GLU A 159 -11.35 -2.68 7.55
C GLU A 159 -12.56 -1.76 7.66
N ASN A 160 -12.73 -1.15 8.83
CA ASN A 160 -13.83 -0.23 9.05
C ASN A 160 -13.75 1.00 8.14
N LEU A 161 -12.53 1.44 7.85
CA LEU A 161 -12.32 2.56 6.95
C LEU A 161 -12.73 2.19 5.53
N ASN A 162 -12.28 1.02 5.06
CA ASN A 162 -12.65 0.57 3.72
C ASN A 162 -14.16 0.49 3.57
N HIS A 163 -14.80 -0.12 4.56
CA HIS A 163 -16.26 -0.22 4.57
C HIS A 163 -16.91 1.16 4.51
N GLY A 164 -16.39 2.09 5.30
CA GLY A 164 -16.93 3.44 5.35
C GLY A 164 -16.70 4.24 4.07
N LEU A 165 -15.67 3.87 3.33
CA LEU A 165 -15.32 4.58 2.09
C LEU A 165 -16.05 4.03 0.88
N ARG A 166 -17.00 3.12 1.10
CA ARG A 166 -17.76 2.52 0.00
C ARG A 166 -19.27 2.71 0.11
N PRO A 167 -19.73 3.93 0.42
CA PRO A 167 -21.16 4.20 0.56
C PRO A 167 -21.88 4.15 -0.78
N ASP A 168 -21.12 4.12 -1.87
CA ASP A 168 -21.71 4.01 -3.21
C ASP A 168 -21.99 2.58 -3.64
N GLU A 169 -21.88 1.65 -2.71
CA GLU A 169 -22.23 0.24 -2.93
C GLU A 169 -23.31 -0.18 -1.94
N GLY A 170 -24.11 -1.17 -2.34
CA GLY A 170 -25.13 -1.72 -1.45
C GLY A 170 -24.48 -2.40 -0.27
N GLU A 171 -25.23 -2.55 0.82
CA GLU A 171 -24.75 -3.30 1.96
C GLU A 171 -24.68 -4.79 1.61
N GLY A 172 -23.95 -5.56 2.40
CA GLY A 172 -23.75 -6.96 2.10
C GLY A 172 -22.65 -7.16 1.09
N ARG A 173 -21.96 -6.06 0.75
CA ARG A 173 -20.86 -6.11 -0.19
C ARG A 173 -19.68 -6.88 0.40
N LEU A 174 -18.84 -7.44 -0.45
CA LEU A 174 -17.64 -8.13 -0.01
C LEU A 174 -16.65 -7.13 0.58
N LEU A 175 -16.11 -7.44 1.75
CA LEU A 175 -15.08 -6.60 2.34
C LEU A 175 -13.78 -6.91 1.61
N TYR A 176 -13.18 -8.06 1.89
CA TYR A 176 -12.00 -8.52 1.16
C TYR A 176 -12.37 -9.13 -0.18
N LYS A 177 -11.49 -9.01 -1.16
CA LYS A 177 -11.72 -9.61 -2.45
C LYS A 177 -11.65 -11.12 -2.32
N LYS A 178 -12.37 -11.84 -3.17
CA LYS A 178 -12.31 -13.30 -3.18
C LYS A 178 -11.49 -13.77 -4.37
N GLU A 179 -11.28 -12.85 -5.31
CA GLU A 179 -10.54 -13.13 -6.52
C GLU A 179 -10.06 -11.82 -7.12
N ASN A 180 -9.23 -11.90 -8.16
CA ASN A 180 -8.79 -10.72 -8.89
C ASN A 180 -9.47 -10.62 -10.24
N ALA A 186 -3.40 -4.58 -14.35
CA ALA A 186 -2.23 -4.85 -13.51
C ALA A 186 -2.40 -6.16 -12.74
N VAL A 187 -1.32 -6.61 -12.11
CA VAL A 187 -1.36 -7.86 -11.36
C VAL A 187 -1.25 -7.59 -9.85
N PHE A 188 -2.35 -7.82 -9.15
CA PHE A 188 -2.38 -7.60 -7.70
C PHE A 188 -2.13 -8.92 -6.96
N SER A 189 -1.88 -8.81 -5.65
CA SER A 189 -1.67 -9.99 -4.83
C SER A 189 -2.91 -10.87 -4.82
N SER A 190 -2.72 -12.16 -4.51
CA SER A 190 -3.86 -13.04 -4.29
C SER A 190 -4.58 -12.57 -3.03
N PRO A 191 -5.85 -12.98 -2.85
CA PRO A 191 -6.62 -12.54 -1.68
C PRO A 191 -5.89 -12.78 -0.36
N GLU A 192 -5.37 -13.98 -0.16
CA GLU A 192 -4.72 -14.30 1.12
C GLU A 192 -3.38 -13.59 1.26
N ALA A 193 -2.60 -13.56 0.19
CA ALA A 193 -1.32 -12.85 0.21
C ALA A 193 -1.55 -11.38 0.55
N ALA A 194 -2.65 -10.83 0.04
CA ALA A 194 -3.00 -9.44 0.30
C ALA A 194 -3.38 -9.20 1.76
N LYS A 195 -4.11 -10.15 2.35
CA LYS A 195 -4.49 -10.06 3.76
C LYS A 195 -3.26 -10.14 4.65
N ILE A 196 -2.39 -11.11 4.38
CA ILE A 196 -1.16 -11.27 5.15
C ILE A 196 -0.34 -10.00 5.12
N GLN A 197 -0.15 -9.44 3.94
CA GLN A 197 0.75 -8.29 3.78
C GLN A 197 0.09 -6.95 4.12
N LEU A 198 -1.24 -6.92 4.19
CA LEU A 198 -1.92 -5.75 4.74
C LEU A 198 -1.57 -5.64 6.22
N ALA A 199 -1.61 -6.78 6.91
CA ALA A 199 -1.24 -6.83 8.32
C ALA A 199 0.22 -6.45 8.55
N GLU A 200 1.10 -6.91 7.66
CA GLU A 200 2.51 -6.53 7.73
C GLU A 200 2.69 -5.04 7.52
N THR A 201 1.89 -4.46 6.64
CA THR A 201 2.01 -3.03 6.35
C THR A 201 1.57 -2.22 7.56
N VAL A 202 0.57 -2.72 8.28
CA VAL A 202 0.15 -2.09 9.53
C VAL A 202 1.29 -2.13 10.54
N ASP A 203 1.94 -3.29 10.63
CA ASP A 203 3.10 -3.44 11.49
C ASP A 203 4.20 -2.46 11.09
N PHE A 204 4.44 -2.34 9.80
CA PHE A 204 5.45 -1.43 9.27
C PHE A 204 5.16 0.01 9.68
N ILE A 205 3.93 0.44 9.46
CA ILE A 205 3.51 1.80 9.81
C ILE A 205 3.77 2.09 11.28
N ASN A 206 3.37 1.17 12.15
CA ASN A 206 3.52 1.37 13.59
C ASN A 206 4.99 1.37 14.02
N ARG A 207 5.75 0.39 13.55
CA ARG A 207 7.16 0.30 13.91
C ARG A 207 7.95 1.49 13.41
N ALA A 208 7.62 1.96 12.21
CA ALA A 208 8.30 3.11 11.62
C ALA A 208 8.11 4.35 12.51
N LYS A 209 6.90 4.51 13.03
CA LYS A 209 6.61 5.63 13.92
C LYS A 209 7.39 5.49 15.22
N ASN A 210 7.39 4.30 15.79
CA ASN A 210 8.12 4.02 17.02
C ASN A 210 9.63 4.25 16.89
N GLU A 211 10.14 4.13 15.66
CA GLU A 211 11.56 4.30 15.41
C GLU A 211 11.88 5.66 14.78
N GLY A 212 10.86 6.50 14.66
CA GLY A 212 11.04 7.83 14.11
C GLY A 212 11.61 7.82 12.71
N ILE A 213 11.13 6.91 11.87
CA ILE A 213 11.52 6.90 10.47
C ILE A 213 10.74 7.97 9.73
N GLU A 214 11.43 8.71 8.86
CA GLU A 214 10.82 9.83 8.15
C GLU A 214 9.46 9.48 7.55
N PRO A 215 8.39 10.10 8.08
CA PRO A 215 7.00 9.83 7.69
C PRO A 215 6.72 9.99 6.20
N SER A 216 7.35 10.95 5.54
CA SER A 216 7.11 11.18 4.12
C SER A 216 7.54 9.98 3.27
N VAL A 217 8.62 9.33 3.68
CA VAL A 217 9.09 8.15 2.98
C VAL A 217 8.20 6.95 3.30
N VAL A 218 7.82 6.83 4.57
CA VAL A 218 6.88 5.79 4.99
C VAL A 218 5.58 5.88 4.19
N GLY A 219 5.05 7.10 4.06
CA GLY A 219 3.83 7.33 3.31
C GLY A 219 3.95 6.88 1.87
N ALA A 220 5.07 7.21 1.23
CA ALA A 220 5.30 6.81 -0.16
C ALA A 220 5.30 5.29 -0.30
N LEU A 221 6.01 4.62 0.59
CA LEU A 221 6.12 3.17 0.56
C LEU A 221 4.76 2.50 0.83
N VAL A 222 4.04 3.02 1.81
CA VAL A 222 2.72 2.50 2.14
C VAL A 222 1.76 2.66 0.95
N TYR A 223 1.82 3.81 0.31
CA TYR A 223 1.00 4.06 -0.88
C TYR A 223 1.21 2.97 -1.94
N GLN A 224 2.46 2.74 -2.31
CA GLN A 224 2.78 1.78 -3.36
C GLN A 224 2.31 0.37 -3.03
N ARG A 225 2.63 -0.11 -1.83
CA ARG A 225 2.36 -1.51 -1.51
C ARG A 225 0.89 -1.80 -1.21
N LEU A 226 0.18 -0.81 -0.66
CA LEU A 226 -1.25 -1.00 -0.44
C LEU A 226 -1.96 -1.14 -1.79
N ILE A 227 -1.52 -0.35 -2.76
CA ILE A 227 -2.07 -0.40 -4.09
C ILE A 227 -1.71 -1.72 -4.78
N ALA A 228 -0.48 -2.19 -4.56
CA ALA A 228 -0.04 -3.45 -5.12
C ALA A 228 -0.75 -4.67 -4.52
N TYR A 229 -0.92 -4.65 -3.19
CA TYR A 229 -1.59 -5.75 -2.50
C TYR A 229 -3.07 -5.78 -2.83
N HIS A 230 -3.73 -4.62 -2.74
CA HIS A 230 -5.10 -4.51 -3.21
C HIS A 230 -6.03 -5.52 -2.52
N PRO A 231 -6.08 -5.48 -1.18
CA PRO A 231 -6.76 -6.52 -0.38
C PRO A 231 -8.28 -6.54 -0.49
N PHE A 232 -8.90 -5.39 -0.74
CA PHE A 232 -10.35 -5.28 -0.65
C PHE A 232 -11.04 -5.46 -2.01
N ALA A 233 -12.34 -5.79 -1.96
CA ALA A 233 -13.11 -6.01 -3.18
C ALA A 233 -13.22 -4.73 -3.99
N GLU A 234 -13.23 -3.60 -3.28
CA GLU A 234 -13.36 -2.29 -3.90
C GLU A 234 -12.80 -1.25 -2.92
N GLY A 235 -12.60 -0.03 -3.41
CA GLY A 235 -12.17 1.07 -2.55
C GLY A 235 -10.74 1.00 -2.05
N ASN A 236 -9.89 0.27 -2.76
CA ASN A 236 -8.48 0.17 -2.39
C ASN A 236 -7.74 1.49 -2.56
N GLY A 237 -7.98 2.16 -3.69
CA GLY A 237 -7.40 3.47 -3.93
C GLY A 237 -7.82 4.49 -2.89
N ARG A 238 -9.10 4.55 -2.60
CA ARG A 238 -9.62 5.48 -1.59
C ARG A 238 -8.96 5.23 -0.22
N MET A 239 -8.97 3.98 0.20
CA MET A 239 -8.44 3.61 1.51
C MET A 239 -6.94 3.91 1.62
N ALA A 240 -6.17 3.55 0.60
CA ALA A 240 -4.72 3.77 0.62
C ALA A 240 -4.40 5.25 0.77
N ARG A 241 -5.14 6.08 0.05
CA ARG A 241 -4.88 7.52 0.07
C ARG A 241 -5.17 8.13 1.44
N VAL A 242 -6.21 7.65 2.10
CA VAL A 242 -6.56 8.14 3.44
C VAL A 242 -5.53 7.74 4.47
N ILE A 243 -5.10 6.47 4.43
CA ILE A 243 -4.10 5.97 5.35
C ILE A 243 -2.77 6.72 5.17
N VAL A 244 -2.34 6.88 3.93
CA VAL A 244 -1.09 7.57 3.64
C VAL A 244 -1.16 9.00 4.15
N ASN A 245 -2.31 9.64 3.93
CA ASN A 245 -2.46 11.03 4.33
C ASN A 245 -2.55 11.24 5.84
N LYS A 246 -3.03 10.25 6.58
CA LYS A 246 -2.96 10.32 8.04
C LYS A 246 -1.49 10.35 8.47
N ILE A 247 -0.71 9.47 7.84
CA ILE A 247 0.72 9.41 8.12
C ILE A 247 1.39 10.75 7.83
N LEU A 248 1.08 11.32 6.67
CA LEU A 248 1.65 12.62 6.29
C LEU A 248 1.20 13.75 7.21
N LEU A 249 -0.10 13.86 7.42
CA LEU A 249 -0.65 14.96 8.22
C LEU A 249 -0.21 14.90 9.67
N ASP A 250 -0.03 13.68 10.19
CA ASP A 250 0.43 13.54 11.57
C ASP A 250 1.85 14.08 11.71
N ALA A 251 2.54 14.22 10.59
CA ALA A 251 3.91 14.71 10.57
C ALA A 251 3.98 16.19 10.18
N GLY A 252 2.84 16.74 9.79
CA GLY A 252 2.78 18.15 9.43
C GLY A 252 2.84 18.42 7.94
N TYR A 253 2.86 17.35 7.14
CA TYR A 253 2.90 17.52 5.69
C TYR A 253 1.50 17.75 5.16
N PRO A 254 1.39 18.42 4.00
CA PRO A 254 0.11 18.55 3.30
C PRO A 254 -0.31 17.21 2.72
N ALA A 255 -1.57 17.06 2.36
CA ALA A 255 -2.06 15.79 1.84
C ALA A 255 -1.51 15.49 0.46
N PHE A 256 -1.28 14.20 0.20
CA PHE A 256 -0.91 13.73 -1.13
C PHE A 256 -2.19 13.38 -1.87
N THR A 257 -2.26 13.72 -3.15
CA THR A 257 -3.42 13.38 -3.96
C THR A 257 -3.16 12.09 -4.74
N LYS A 258 -2.43 12.21 -5.83
CA LYS A 258 -2.11 11.09 -6.70
C LYS A 258 -0.84 11.40 -7.47
N PHE A 259 -0.22 10.38 -8.06
CA PHE A 259 0.88 10.60 -8.97
C PHE A 259 0.34 11.16 -10.28
N SER A 260 1.23 11.63 -11.14
CA SER A 260 0.82 12.10 -12.46
C SER A 260 0.03 11.01 -13.18
N ASP A 261 -0.77 11.43 -14.15
CA ASP A 261 -1.62 10.49 -14.88
C ASP A 261 -0.83 9.35 -15.51
N GLU A 262 0.47 9.56 -15.68
CA GLU A 262 1.29 8.64 -16.46
C GLU A 262 2.51 8.09 -15.71
N PHE A 263 2.50 8.24 -14.39
CA PHE A 263 3.49 7.57 -13.55
C PHE A 263 2.77 6.59 -12.63
N GLU A 264 1.50 6.88 -12.39
CA GLU A 264 0.66 6.02 -11.55
C GLU A 264 0.74 4.54 -11.96
N PRO A 265 0.63 4.26 -13.28
CA PRO A 265 0.68 2.87 -13.75
C PRO A 265 2.02 2.19 -13.44
N GLN A 266 3.08 2.98 -13.26
CA GLN A 266 4.42 2.44 -13.12
C GLN A 266 4.72 1.82 -11.75
N ILE A 267 3.94 2.18 -10.74
CA ILE A 267 4.33 1.88 -9.37
C ILE A 267 4.10 0.43 -8.92
N ILE A 268 3.34 -0.33 -9.70
CA ILE A 268 3.16 -1.75 -9.42
C ILE A 268 3.42 -2.56 -10.69
N PRO A 269 3.74 -3.86 -10.53
CA PRO A 269 4.02 -4.71 -11.68
C PRO A 269 2.88 -4.64 -12.70
N GLN A 270 3.23 -4.62 -13.98
CA GLN A 270 2.22 -4.60 -15.03
C GLN A 270 2.29 -5.86 -15.89
N THR A 271 1.15 -6.51 -16.05
CA THR A 271 1.05 -7.70 -16.89
C THR A 271 1.73 -7.47 -18.23
N LYS A 272 1.51 -6.29 -18.79
CA LYS A 272 2.08 -5.92 -20.08
C LYS A 272 3.61 -5.94 -20.04
N ALA A 273 4.22 -6.58 -21.03
CA ALA A 273 5.66 -6.79 -21.05
C ALA A 273 6.47 -5.49 -20.99
N SER A 274 6.30 -4.64 -21.99
CA SER A 274 7.00 -3.37 -22.05
C SER A 274 6.75 -2.54 -20.79
N THR A 275 5.82 -1.59 -20.89
CA THR A 275 5.36 -0.81 -19.74
C THR A 275 6.44 -0.52 -18.69
N LYS A 276 6.94 0.70 -18.69
CA LYS A 276 7.92 1.11 -17.68
C LYS A 276 7.45 0.74 -16.28
N SER A 277 8.25 -0.07 -15.59
CA SER A 277 7.96 -0.42 -14.20
C SER A 277 8.85 0.39 -13.27
N ALA A 278 8.23 1.11 -12.35
CA ALA A 278 8.98 1.92 -11.40
C ALA A 278 9.38 1.10 -10.18
N THR A 279 10.64 1.25 -9.78
CA THR A 279 11.15 0.55 -8.61
C THR A 279 10.69 1.27 -7.34
N SER A 280 10.87 0.60 -6.20
CA SER A 280 10.45 1.16 -4.92
C SER A 280 11.11 2.52 -4.67
N SER A 281 12.42 2.60 -4.91
CA SER A 281 13.15 3.85 -4.70
C SER A 281 12.67 4.95 -5.64
N GLU A 282 12.42 4.59 -6.89
CA GLU A 282 11.92 5.53 -7.88
C GLU A 282 10.55 6.06 -7.50
N VAL A 283 9.73 5.21 -6.88
CA VAL A 283 8.41 5.62 -6.42
C VAL A 283 8.54 6.61 -5.27
N VAL A 284 9.46 6.36 -4.35
CA VAL A 284 9.67 7.26 -3.22
C VAL A 284 10.15 8.61 -3.70
N VAL A 285 11.13 8.60 -4.60
CA VAL A 285 11.67 9.83 -5.15
C VAL A 285 10.58 10.65 -5.83
N GLU A 286 9.76 10.01 -6.66
CA GLU A 286 8.69 10.69 -7.35
C GLU A 286 7.63 11.20 -6.38
N PHE A 287 7.31 10.38 -5.37
CA PHE A 287 6.34 10.77 -4.35
C PHE A 287 6.79 12.05 -3.65
N LEU A 288 8.07 12.07 -3.26
CA LEU A 288 8.64 13.22 -2.56
C LEU A 288 8.63 14.46 -3.46
N LYS A 289 8.97 14.27 -4.73
CA LYS A 289 8.94 15.36 -5.70
C LYS A 289 7.53 15.92 -5.84
N GLU A 290 6.55 15.03 -5.99
CA GLU A 290 5.16 15.42 -6.13
C GLU A 290 4.69 16.19 -4.90
N LEU A 291 5.16 15.76 -3.74
CA LEU A 291 4.77 16.36 -2.47
C LEU A 291 5.38 17.76 -2.33
N ALA A 292 6.62 17.90 -2.77
CA ALA A 292 7.33 19.18 -2.67
C ALA A 292 6.70 20.24 -3.55
N LYS A 293 5.86 19.82 -4.48
CA LYS A 293 5.18 20.75 -5.38
C LYS A 293 3.87 21.26 -4.78
N LYS A 294 3.52 20.73 -3.61
CA LYS A 294 2.23 21.05 -3.00
C LYS A 294 2.06 22.54 -2.68
N GLY A 295 3.12 23.17 -2.18
CA GLY A 295 3.06 24.58 -1.86
C GLY A 295 2.68 25.44 -3.05
N SER A 296 3.52 25.39 -4.09
CA SER A 296 3.33 26.16 -5.32
C SER A 296 1.90 26.68 -5.48
ZN ZN B . -21.72 -3.52 5.76
ZN ZN C . -2.22 20.26 6.93
S SO4 D . -9.88 0.23 -6.51
O1 SO4 D . -11.06 1.09 -6.56
O2 SO4 D . -9.63 -0.31 -7.85
O3 SO4 D . -8.74 1.03 -6.08
O4 SO4 D . -10.10 -0.87 -5.57
#